data_2N4L
#
_entry.id   2N4L
#
_entity_poly.entity_id   1
_entity_poly.type   'polyribonucleotide'
_entity_poly.pdbx_seq_one_letter_code
;GGAAUAUUUUUGCUGUACUUUCUAUAGUGAAUAGAGUUAGGCAGGGAUAUUCC
;
_entity_poly.pdbx_strand_id   A
#
loop_
_chem_comp.id
_chem_comp.type
_chem_comp.name
_chem_comp.formula
A RNA linking ADENOSINE-5'-MONOPHOSPHATE 'C10 H14 N5 O7 P'
C RNA linking CYTIDINE-5'-MONOPHOSPHATE 'C9 H14 N3 O8 P'
G RNA linking GUANOSINE-5'-MONOPHOSPHATE 'C10 H14 N5 O8 P'
U RNA linking URIDINE-5'-MONOPHOSPHATE 'C9 H13 N2 O9 P'
#